data_6JVP
#
_entry.id   6JVP
#
_cell.length_a   59.086
_cell.length_b   68.891
_cell.length_c   78.279
_cell.angle_alpha   90.000
_cell.angle_beta   90.000
_cell.angle_gamma   90.000
#
_symmetry.space_group_name_H-M   'P 21 21 21'
#
loop_
_entity.id
_entity.type
_entity.pdbx_description
1 polymer '7,8-dihydro-8-oxoguanine triphosphatase'
2 non-polymer N4-cyclopropyl-6-piperidin-1-yl-pyrimidine-2,4-diamine
3 water water
#
_entity_poly.entity_id   1
_entity_poly.type   'polypeptide(L)'
_entity_poly.pdbx_seq_one_letter_code
;MGASRLYTLVLVLQPQRVLLGMKKRGFGAGRWNGFGGKVQEGETIEDGARRELQEESGLTVDALHKVGQIVFEFVGEPEL
MDVHVFCTDSIQGTPVESDEMRPCWFQLDQIPFKDMWPDDSYWFPLLLQKKKFHGYFKFQGQDTILDYTLREVDTV
;
_entity_poly.pdbx_strand_id   A,B
#
# COMPACT_ATOMS: atom_id res chain seq x y z
N ALA A 3 17.43 10.49 1.79
CA ALA A 3 17.24 11.68 2.64
C ALA A 3 15.86 12.31 2.41
N SER A 4 15.20 12.68 3.52
CA SER A 4 13.86 13.23 3.47
C SER A 4 13.80 14.56 4.22
N ARG A 5 12.83 15.38 3.83
CA ARG A 5 12.50 16.60 4.56
C ARG A 5 11.21 16.40 5.34
N LEU A 6 11.22 16.84 6.59
CA LEU A 6 10.08 16.66 7.48
C LEU A 6 8.99 17.69 7.22
N TYR A 7 7.75 17.22 7.26
CA TYR A 7 6.56 18.06 7.12
C TYR A 7 5.54 17.59 8.13
N THR A 8 4.61 18.49 8.47
CA THR A 8 3.50 18.17 9.35
C THR A 8 2.16 18.33 8.64
N LEU A 9 1.17 17.61 9.15
CA LEU A 9 -0.20 17.72 8.69
C LEU A 9 -1.11 17.43 9.86
N VAL A 10 -2.03 18.34 10.15
CA VAL A 10 -2.89 18.24 11.32
C VAL A 10 -4.33 18.20 10.86
N LEU A 11 -5.05 17.15 11.24
CA LEU A 11 -6.46 17.00 10.90
C LEU A 11 -7.29 17.04 12.18
N VAL A 12 -8.12 18.07 12.32
CA VAL A 12 -9.10 18.17 13.39
C VAL A 12 -10.32 17.33 12.97
N LEU A 13 -10.40 16.13 13.50
CA LEU A 13 -11.41 15.15 13.11
C LEU A 13 -12.32 14.90 14.30
N GLN A 14 -13.54 15.40 14.22
CA GLN A 14 -14.53 15.26 15.27
C GLN A 14 -15.48 14.13 14.86
N PRO A 15 -16.42 13.72 15.70
CA PRO A 15 -17.28 12.58 15.32
C PRO A 15 -18.03 12.76 14.00
N GLN A 16 -18.52 13.96 13.68
CA GLN A 16 -19.36 14.13 12.50
C GLN A 16 -18.73 14.99 11.40
N ARG A 17 -17.54 15.53 11.60
CA ARG A 17 -17.01 16.52 10.66
C ARG A 17 -15.49 16.59 10.78
N VAL A 18 -14.88 17.07 9.71
CA VAL A 18 -13.44 17.29 9.64
C VAL A 18 -13.18 18.75 9.25
N LEU A 19 -12.19 19.35 9.87
CA LEU A 19 -11.84 20.73 9.58
C LEU A 19 -10.76 20.77 8.50
N LEU A 20 -11.02 21.50 7.42
CA LEU A 20 -10.01 21.64 6.39
C LEU A 20 -9.84 23.11 6.05
N GLY A 21 -8.74 23.41 5.39
CA GLY A 21 -8.44 24.76 4.97
C GLY A 21 -8.18 24.78 3.48
N MET A 22 -8.70 25.81 2.82
CA MET A 22 -8.38 26.08 1.42
C MET A 22 -7.08 26.87 1.42
N LYS A 23 -6.08 26.36 0.73
CA LYS A 23 -4.76 26.97 0.74
C LYS A 23 -4.77 28.15 -0.24
N LYS A 24 -4.41 29.34 0.25
CA LYS A 24 -4.56 30.56 -0.54
C LYS A 24 -3.31 30.97 -1.31
N ARG A 25 -2.14 30.45 -0.95
CA ARG A 25 -0.90 30.84 -1.59
C ARG A 25 0.11 29.74 -1.37
N GLY A 26 1.22 29.82 -2.11
CA GLY A 26 2.28 28.86 -1.83
C GLY A 26 1.98 27.46 -2.33
N PHE A 27 2.74 26.51 -1.80
CA PHE A 27 2.62 25.10 -2.18
C PHE A 27 1.22 24.58 -1.87
N GLY A 28 0.55 24.02 -2.89
CA GLY A 28 -0.78 23.47 -2.70
C GLY A 28 -1.91 24.46 -2.74
N ALA A 29 -1.66 25.67 -3.24
CA ALA A 29 -2.69 26.68 -3.35
C ALA A 29 -3.84 26.19 -4.22
N GLY A 30 -5.07 26.41 -3.75
CA GLY A 30 -6.23 25.94 -4.45
C GLY A 30 -6.73 24.57 -4.03
N ARG A 31 -6.07 23.92 -3.07
CA ARG A 31 -6.51 22.61 -2.61
C ARG A 31 -6.92 22.72 -1.15
N TRP A 32 -7.97 21.99 -0.79
CA TRP A 32 -8.29 21.80 0.61
C TRP A 32 -7.30 20.81 1.21
N ASN A 33 -6.96 21.04 2.48
CA ASN A 33 -6.01 20.19 3.19
C ASN A 33 -6.12 20.51 4.66
N GLY A 34 -5.64 19.59 5.49
CA GLY A 34 -5.38 19.91 6.87
C GLY A 34 -4.21 20.89 6.94
N PHE A 35 -3.88 21.28 8.16
CA PHE A 35 -2.92 22.36 8.39
C PHE A 35 -1.54 21.79 8.64
N GLY A 36 -0.51 22.43 8.09
CA GLY A 36 0.85 21.94 8.32
C GLY A 36 1.87 22.64 7.44
N GLY A 37 3.08 22.07 7.43
CA GLY A 37 4.18 22.64 6.66
C GLY A 37 5.53 22.07 7.08
N LYS A 38 6.58 22.79 6.71
CA LYS A 38 7.94 22.34 7.01
C LYS A 38 8.19 22.35 8.51
N VAL A 39 8.94 21.38 8.98
CA VAL A 39 9.44 21.39 10.35
C VAL A 39 10.76 22.16 10.34
N GLN A 40 10.89 23.10 11.25
CA GLN A 40 12.07 23.95 11.37
C GLN A 40 13.14 23.29 12.23
N GLU A 41 14.38 23.74 12.04
CA GLU A 41 15.44 23.43 13.00
C GLU A 41 15.04 23.97 14.37
N GLY A 42 15.25 23.19 15.41
CA GLY A 42 15.02 23.71 16.74
C GLY A 42 13.65 23.44 17.32
N GLU A 43 12.79 22.75 16.61
CA GLU A 43 11.49 22.37 17.15
C GLU A 43 11.25 20.90 16.87
N THR A 44 10.51 20.25 17.76
CA THR A 44 10.12 18.89 17.47
C THR A 44 9.12 18.89 16.32
N ILE A 45 8.92 17.71 15.75
CA ILE A 45 7.91 17.56 14.72
C ILE A 45 6.56 18.02 15.23
N GLU A 46 6.17 17.55 16.42
CA GLU A 46 4.89 17.94 16.99
C GLU A 46 4.84 19.44 17.30
N ASP A 47 5.95 20.02 17.79
CA ASP A 47 6.04 21.47 17.96
C ASP A 47 5.71 22.18 16.65
N GLY A 48 6.35 21.74 15.55
CA GLY A 48 6.07 22.35 14.26
C GLY A 48 4.63 22.17 13.84
N ALA A 49 4.04 21.01 14.17
CA ALA A 49 2.63 20.79 13.87
C ALA A 49 1.74 21.80 14.60
N ARG A 50 1.98 22.00 15.90
CA ARG A 50 1.21 22.98 16.66
C ARG A 50 1.42 24.38 16.09
N ARG A 51 2.66 24.71 15.71
CA ARG A 51 2.94 26.03 15.17
C ARG A 51 2.18 26.29 13.88
N GLU A 52 2.21 25.32 12.95
CA GLU A 52 1.49 25.53 11.70
C GLU A 52 -0.01 25.57 11.90
N LEU A 53 -0.55 24.80 12.85
CA LEU A 53 -1.97 24.91 13.12
C LEU A 53 -2.33 26.30 13.63
N GLN A 54 -1.52 26.83 14.55
CA GLN A 54 -1.81 28.14 15.11
C GLN A 54 -1.65 29.24 14.06
N GLU A 55 -0.59 29.17 13.26
CA GLU A 55 -0.33 30.17 12.22
C GLU A 55 -1.43 30.17 11.15
N GLU A 56 -1.96 28.98 10.82
CA GLU A 56 -2.87 28.89 9.69
C GLU A 56 -4.34 28.93 10.08
N SER A 57 -4.66 28.71 11.35
CA SER A 57 -6.05 28.67 11.78
C SER A 57 -6.30 29.40 13.08
N GLY A 58 -5.27 29.92 13.74
CA GLY A 58 -5.42 30.53 15.05
C GLY A 58 -5.63 29.55 16.17
N LEU A 59 -5.85 28.27 15.87
CA LEU A 59 -6.22 27.25 16.84
C LEU A 59 -5.02 26.71 17.60
N THR A 60 -5.23 26.40 18.87
CA THR A 60 -4.33 25.58 19.66
C THR A 60 -5.08 24.35 20.12
N VAL A 61 -4.33 23.32 20.50
CA VAL A 61 -4.92 22.06 20.94
C VAL A 61 -4.22 21.58 22.20
N ASP A 62 -4.94 20.74 22.95
CA ASP A 62 -4.35 20.14 24.14
C ASP A 62 -3.46 18.96 23.79
N ALA A 63 -3.95 18.07 22.94
CA ALA A 63 -3.24 16.86 22.61
C ALA A 63 -3.29 16.62 21.10
N LEU A 64 -2.14 16.28 20.52
CA LEU A 64 -2.03 15.80 19.15
C LEU A 64 -1.70 14.31 19.17
N HIS A 65 -2.35 13.55 18.30
CA HIS A 65 -2.16 12.10 18.19
C HIS A 65 -1.56 11.75 16.84
N LYS A 66 -0.45 10.99 16.86
CA LYS A 66 0.11 10.47 15.61
C LYS A 66 -0.85 9.48 14.95
N VAL A 67 -1.28 9.80 13.73
CA VAL A 67 -2.13 8.90 12.96
C VAL A 67 -1.44 8.38 11.71
N GLY A 68 -0.40 9.03 11.22
CA GLY A 68 0.17 8.45 10.02
C GLY A 68 1.50 9.07 9.63
N GLN A 69 2.13 8.43 8.67
CA GLN A 69 3.34 8.93 8.03
C GLN A 69 3.23 8.64 6.54
N ILE A 70 3.47 9.64 5.69
CA ILE A 70 3.45 9.42 4.25
C ILE A 70 4.73 9.98 3.64
N VAL A 71 5.43 9.14 2.88
CA VAL A 71 6.64 9.54 2.17
C VAL A 71 6.28 9.75 0.71
N PHE A 72 6.70 10.89 0.16
CA PHE A 72 6.49 11.27 -1.22
C PHE A 72 7.82 11.38 -1.93
N GLU A 73 7.88 10.79 -3.12
CA GLU A 73 8.92 11.03 -4.10
C GLU A 73 8.30 11.81 -5.25
N PHE A 74 8.99 12.85 -5.68
CA PHE A 74 8.68 13.60 -6.89
C PHE A 74 9.74 13.32 -7.93
N VAL A 75 9.31 12.90 -9.12
CA VAL A 75 10.26 12.58 -10.18
C VAL A 75 11.20 13.76 -10.41
N GLY A 76 12.50 13.47 -10.47
CA GLY A 76 13.52 14.47 -10.72
C GLY A 76 13.90 15.31 -9.52
N GLU A 77 13.25 15.12 -8.37
CA GLU A 77 13.62 15.87 -7.19
C GLU A 77 14.34 14.94 -6.23
N PRO A 78 15.54 15.33 -5.79
CA PRO A 78 16.36 14.38 -5.02
C PRO A 78 15.85 14.13 -3.62
N GLU A 79 15.22 15.11 -3.00
CA GLU A 79 14.79 15.03 -1.62
C GLU A 79 13.40 14.40 -1.54
N LEU A 80 13.25 13.42 -0.66
CA LEU A 80 11.90 12.94 -0.42
C LEU A 80 11.22 13.82 0.64
N MET A 81 9.89 13.84 0.61
CA MET A 81 9.11 14.57 1.59
C MET A 81 8.45 13.61 2.56
N ASP A 82 8.68 13.81 3.84
CA ASP A 82 8.23 12.93 4.92
C ASP A 82 7.19 13.67 5.74
N VAL A 83 5.92 13.36 5.50
CA VAL A 83 4.80 14.03 6.16
C VAL A 83 4.37 13.22 7.37
N HIS A 84 4.38 13.87 8.54
CA HIS A 84 3.87 13.27 9.77
C HIS A 84 2.45 13.80 10.02
N VAL A 85 1.48 12.89 10.01
CA VAL A 85 0.06 13.21 10.10
C VAL A 85 -0.40 13.04 11.54
N PHE A 86 -1.08 14.05 12.06
CA PHE A 86 -1.66 14.07 13.39
C PHE A 86 -3.14 14.38 13.29
N CYS A 87 -3.89 13.85 14.24
CA CYS A 87 -5.27 14.26 14.38
C CYS A 87 -5.49 14.67 15.84
N THR A 88 -6.53 15.49 16.01
CA THR A 88 -7.05 15.81 17.32
C THR A 88 -8.56 15.91 17.22
N ASP A 89 -9.23 15.74 18.35
CA ASP A 89 -10.68 15.85 18.40
C ASP A 89 -11.17 17.12 19.09
N SER A 90 -10.52 17.55 20.16
CA SER A 90 -10.89 18.80 20.81
C SER A 90 -9.89 19.89 20.45
N ILE A 91 -10.40 21.09 20.16
CA ILE A 91 -9.60 22.24 19.80
C ILE A 91 -9.95 23.40 20.71
N GLN A 92 -8.99 24.28 20.90
CA GLN A 92 -9.17 25.48 21.70
C GLN A 92 -9.30 26.70 20.78
N GLY A 93 -10.50 27.27 20.73
CA GLY A 93 -10.80 28.47 19.96
C GLY A 93 -11.67 28.17 18.75
N THR A 94 -11.92 29.21 17.98
CA THR A 94 -12.64 29.13 16.73
C THR A 94 -11.67 29.29 15.58
N PRO A 95 -11.69 28.41 14.58
CA PRO A 95 -10.81 28.58 13.42
C PRO A 95 -11.19 29.84 12.65
N VAL A 96 -10.18 30.62 12.28
CA VAL A 96 -10.40 31.87 11.55
C VAL A 96 -9.44 31.93 10.36
N GLU A 97 -9.87 32.61 9.31
CA GLU A 97 -9.06 32.74 8.12
C GLU A 97 -7.73 33.43 8.42
N SER A 98 -6.69 32.98 7.74
CA SER A 98 -5.36 33.56 7.82
C SER A 98 -4.88 33.87 6.42
N ASP A 99 -3.65 34.35 6.32
CA ASP A 99 -3.09 34.64 5.00
C ASP A 99 -2.89 33.37 4.18
N GLU A 100 -2.66 32.23 4.85
CA GLU A 100 -2.44 30.98 4.16
C GLU A 100 -3.71 30.15 3.95
N MET A 101 -4.66 30.16 4.89
CA MET A 101 -5.73 29.16 4.87
C MET A 101 -7.08 29.77 5.19
N ARG A 102 -8.11 29.29 4.48
CA ARG A 102 -9.52 29.60 4.74
C ARG A 102 -10.22 28.36 5.30
N PRO A 103 -10.47 28.29 6.61
CA PRO A 103 -11.00 27.06 7.21
C PRO A 103 -12.52 26.89 7.07
N CYS A 104 -12.93 25.64 6.85
CA CYS A 104 -14.34 25.26 6.85
C CYS A 104 -14.45 23.84 7.36
N TRP A 105 -15.57 23.57 8.03
CA TRP A 105 -15.91 22.22 8.45
C TRP A 105 -16.60 21.49 7.30
N PHE A 106 -16.35 20.18 7.24
CA PHE A 106 -16.98 19.32 6.25
C PHE A 106 -17.59 18.12 6.93
N GLN A 107 -18.85 17.81 6.61
CA GLN A 107 -19.39 16.51 6.97
C GLN A 107 -18.52 15.42 6.37
N LEU A 108 -18.43 14.30 7.09
CA LEU A 108 -17.56 13.21 6.63
C LEU A 108 -18.01 12.61 5.31
N ASP A 109 -19.28 12.71 4.94
CA ASP A 109 -19.70 12.24 3.63
C ASP A 109 -19.57 13.28 2.54
N GLN A 110 -19.06 14.48 2.85
CA GLN A 110 -18.92 15.52 1.84
C GLN A 110 -17.48 16.05 1.79
N ILE A 111 -16.53 15.17 2.09
CA ILE A 111 -15.12 15.53 1.99
C ILE A 111 -14.75 15.78 0.53
N PRO A 112 -14.11 17.01 0.17
CA PRO A 112 -13.92 17.47 -1.24
C PRO A 112 -12.69 16.88 -1.95
N PHE A 113 -12.67 15.56 -2.12
CA PHE A 113 -11.45 14.86 -2.55
C PHE A 113 -10.91 15.37 -3.89
N LYS A 114 -11.80 15.72 -4.82
CA LYS A 114 -11.40 16.22 -6.13
C LYS A 114 -10.62 17.52 -6.04
N ASP A 115 -10.78 18.26 -4.95
CA ASP A 115 -10.05 19.50 -4.70
C ASP A 115 -9.07 19.37 -3.54
N MET A 116 -8.59 18.15 -3.31
CA MET A 116 -7.56 17.88 -2.34
C MET A 116 -6.36 17.28 -3.06
N TRP A 117 -5.28 17.03 -2.33
CA TRP A 117 -4.18 16.30 -2.92
C TRP A 117 -4.69 14.92 -3.34
N PRO A 118 -4.21 14.39 -4.48
CA PRO A 118 -4.74 13.10 -4.96
C PRO A 118 -4.45 11.93 -4.01
N ASP A 119 -3.39 12.00 -3.22
CA ASP A 119 -3.11 10.89 -2.29
C ASP A 119 -4.17 10.79 -1.19
N ASP A 120 -4.81 11.92 -0.84
CA ASP A 120 -5.80 11.94 0.25
C ASP A 120 -6.90 10.90 0.05
N SER A 121 -7.40 10.76 -1.18
CA SER A 121 -8.49 9.81 -1.46
C SER A 121 -8.07 8.39 -1.17
N TYR A 122 -6.78 8.12 -1.12
CA TYR A 122 -6.28 6.79 -0.78
C TYR A 122 -6.17 6.61 0.72
N TRP A 123 -5.60 7.59 1.44
CA TRP A 123 -5.32 7.31 2.85
C TRP A 123 -6.37 7.86 3.80
N PHE A 124 -7.21 8.81 3.38
CA PHE A 124 -8.26 9.30 4.26
C PHE A 124 -9.17 8.20 4.83
N PRO A 125 -9.57 7.16 4.08
CA PRO A 125 -10.37 6.10 4.72
C PRO A 125 -9.73 5.55 5.99
N LEU A 126 -8.43 5.27 5.94
CA LEU A 126 -7.76 4.74 7.12
C LEU A 126 -7.75 5.76 8.27
N LEU A 127 -7.58 7.04 7.95
CA LEU A 127 -7.71 8.07 8.97
C LEU A 127 -9.08 8.01 9.63
N LEU A 128 -10.13 7.87 8.81
CA LEU A 128 -11.49 7.95 9.35
C LEU A 128 -11.86 6.70 10.12
N GLN A 129 -11.25 5.56 9.82
CA GLN A 129 -11.42 4.37 10.65
C GLN A 129 -10.48 4.39 11.85
N LYS A 130 -9.76 5.49 12.06
CA LYS A 130 -8.83 5.63 13.18
C LYS A 130 -7.83 4.49 13.22
N LYS A 131 -7.36 4.08 12.05
CA LYS A 131 -6.26 3.14 11.94
C LYS A 131 -4.99 3.90 11.59
N LYS A 132 -3.90 3.52 12.26
CA LYS A 132 -2.61 4.12 12.01
C LYS A 132 -2.05 3.54 10.72
N PHE A 133 -1.35 4.36 9.92
CA PHE A 133 -0.95 3.95 8.58
C PHE A 133 0.41 4.50 8.20
N HIS A 134 1.10 3.77 7.32
CA HIS A 134 2.26 4.24 6.58
C HIS A 134 1.94 4.24 5.09
N GLY A 135 2.24 5.34 4.42
CA GLY A 135 2.00 5.47 3.00
C GLY A 135 3.24 5.90 2.25
N TYR A 136 3.27 5.56 0.96
CA TYR A 136 4.32 6.00 0.05
C TYR A 136 3.69 6.31 -1.30
N PHE A 137 3.99 7.48 -1.85
CA PHE A 137 3.44 7.88 -3.13
C PHE A 137 4.54 8.45 -4.00
N LYS A 138 4.58 8.01 -5.24
CA LYS A 138 5.47 8.56 -6.25
C LYS A 138 4.64 9.44 -7.16
N PHE A 139 4.97 10.73 -7.18
CA PHE A 139 4.27 11.71 -8.00
C PHE A 139 5.10 12.09 -9.22
N GLN A 140 4.41 12.39 -10.30
CA GLN A 140 5.02 13.05 -11.43
C GLN A 140 4.35 14.42 -11.46
N GLY A 141 5.10 15.47 -11.10
CA GLY A 141 4.38 16.73 -10.91
C GLY A 141 3.51 16.69 -9.66
N GLN A 142 2.48 17.54 -9.66
CA GLN A 142 1.62 17.65 -8.48
C GLN A 142 0.31 16.87 -8.60
N ASP A 143 0.01 16.30 -9.76
CA ASP A 143 -1.31 15.73 -10.01
C ASP A 143 -1.32 14.25 -10.37
N THR A 144 -0.17 13.64 -10.66
CA THR A 144 -0.14 12.30 -11.22
C THR A 144 0.57 11.37 -10.27
N ILE A 145 -0.17 10.43 -9.70
CA ILE A 145 0.42 9.39 -8.87
C ILE A 145 0.84 8.22 -9.77
N LEU A 146 2.13 7.90 -9.75
CA LEU A 146 2.70 6.82 -10.56
C LEU A 146 2.72 5.50 -9.80
N ASP A 147 3.17 5.54 -8.54
CA ASP A 147 3.15 4.36 -7.67
C ASP A 147 2.70 4.75 -6.28
N TYR A 148 2.17 3.77 -5.56
CA TYR A 148 1.95 3.99 -4.13
C TYR A 148 1.90 2.65 -3.41
N THR A 149 2.23 2.72 -2.12
CA THR A 149 2.00 1.64 -1.18
C THR A 149 1.25 2.24 0.00
N LEU A 150 0.44 1.40 0.65
CA LEU A 150 -0.34 1.85 1.80
C LEU A 150 -0.56 0.67 2.74
N ARG A 151 -0.36 0.92 4.04
CA ARG A 151 -0.32 -0.16 5.04
C ARG A 151 -0.81 0.38 6.37
N GLU A 152 -1.47 -0.46 7.17
CA GLU A 152 -1.75 -0.06 8.54
C GLU A 152 -0.62 -0.54 9.44
N VAL A 153 -0.26 0.30 10.41
CA VAL A 153 0.83 0.00 11.31
C VAL A 153 0.30 -0.05 12.74
N ASP A 154 1.10 -0.62 13.64
CA ASP A 154 0.74 -0.64 15.05
C ASP A 154 1.34 0.53 15.80
N THR A 155 2.47 1.04 15.34
CA THR A 155 3.08 2.26 15.85
C THR A 155 3.41 3.12 14.65
N VAL A 156 2.99 4.39 14.68
CA VAL A 156 3.26 5.34 13.60
C VAL A 156 4.73 5.75 13.62
N GLY B 2 -9.71 -3.85 -19.86
CA GLY B 2 -8.96 -4.98 -20.37
C GLY B 2 -9.36 -6.30 -19.74
N ALA B 3 -9.43 -7.33 -20.58
CA ALA B 3 -9.72 -8.67 -20.09
C ALA B 3 -8.57 -9.23 -19.27
N SER B 4 -8.90 -9.95 -18.21
CA SER B 4 -7.88 -10.54 -17.36
C SER B 4 -8.08 -12.06 -17.30
N ARG B 5 -6.99 -12.77 -17.03
CA ARG B 5 -7.00 -14.23 -16.90
C ARG B 5 -6.64 -14.60 -15.47
N LEU B 6 -7.41 -15.54 -14.91
CA LEU B 6 -7.21 -15.98 -13.54
C LEU B 6 -6.01 -16.91 -13.42
N TYR B 7 -5.21 -16.70 -12.37
CA TYR B 7 -4.08 -17.54 -12.02
C TYR B 7 -4.11 -17.74 -10.51
N THR B 8 -3.48 -18.82 -10.06
CA THR B 8 -3.34 -19.08 -8.63
C THR B 8 -1.88 -19.10 -8.25
N LEU B 9 -1.66 -18.83 -6.96
CA LEU B 9 -0.34 -18.86 -6.36
C LEU B 9 -0.48 -19.28 -4.91
N VAL B 10 0.27 -20.32 -4.52
CA VAL B 10 0.18 -20.94 -3.21
C VAL B 10 1.56 -20.92 -2.57
N LEU B 11 1.65 -20.34 -1.37
CA LEU B 11 2.86 -20.33 -0.57
C LEU B 11 2.61 -21.13 0.71
N VAL B 12 3.39 -22.18 0.90
CA VAL B 12 3.40 -22.93 2.15
C VAL B 12 4.33 -22.20 3.12
N LEU B 13 3.75 -21.48 4.07
CA LEU B 13 4.53 -20.60 4.93
C LEU B 13 4.62 -21.04 6.40
N VAL B 18 9.58 -21.09 4.53
CA VAL B 18 8.64 -21.04 3.39
C VAL B 18 9.02 -22.05 2.31
N LEU B 19 8.02 -22.69 1.73
CA LEU B 19 8.25 -23.67 0.67
C LEU B 19 8.14 -23.00 -0.70
N LEU B 20 9.15 -23.19 -1.53
CA LEU B 20 9.09 -22.67 -2.88
C LEU B 20 9.48 -23.77 -3.85
N GLY B 21 9.19 -23.57 -5.13
CA GLY B 21 9.58 -24.52 -6.15
C GLY B 21 10.37 -23.87 -7.26
N MET B 22 11.41 -24.58 -7.72
CA MET B 22 12.16 -24.15 -8.89
C MET B 22 11.42 -24.64 -10.14
N LYS B 23 11.07 -23.69 -11.01
CA LYS B 23 10.29 -23.97 -12.22
C LYS B 23 11.19 -24.51 -13.31
N LYS B 24 10.86 -25.69 -13.83
CA LYS B 24 11.76 -26.39 -14.75
C LYS B 24 11.48 -26.09 -16.22
N ARG B 25 10.29 -25.60 -16.56
CA ARG B 25 9.91 -25.44 -17.94
C ARG B 25 8.80 -24.41 -18.04
N GLY B 26 8.59 -23.89 -19.25
CA GLY B 26 7.44 -23.03 -19.45
C GLY B 26 7.61 -21.65 -18.84
N PHE B 27 6.47 -20.95 -18.69
CA PHE B 27 6.46 -19.59 -18.16
C PHE B 27 7.09 -19.54 -16.77
N GLY B 28 8.13 -18.70 -16.62
CA GLY B 28 8.79 -18.57 -15.35
C GLY B 28 9.84 -19.62 -15.05
N ALA B 29 10.28 -20.38 -16.05
CA ALA B 29 11.33 -21.37 -15.84
C ALA B 29 12.62 -20.69 -15.42
N GLY B 30 13.26 -21.28 -14.42
CA GLY B 30 14.49 -20.74 -13.88
C GLY B 30 14.32 -19.85 -12.67
N ARG B 31 13.08 -19.62 -12.24
CA ARG B 31 12.79 -18.77 -11.08
C ARG B 31 12.17 -19.61 -9.99
N TRP B 32 12.49 -19.28 -8.75
CA TRP B 32 11.77 -19.80 -7.60
C TRP B 32 10.43 -19.08 -7.44
N ASN B 33 9.42 -19.83 -7.02
CA ASN B 33 8.08 -19.29 -6.82
C ASN B 33 7.28 -20.30 -6.01
N GLY B 34 6.18 -19.84 -5.43
CA GLY B 34 5.17 -20.73 -4.90
C GLY B 34 4.48 -21.45 -6.06
N PHE B 35 3.54 -22.33 -5.73
CA PHE B 35 2.96 -23.22 -6.73
C PHE B 35 1.66 -22.65 -7.26
N GLY B 36 1.42 -22.77 -8.55
CA GLY B 36 0.18 -22.24 -9.11
C GLY B 36 0.19 -22.28 -10.62
N GLY B 37 -0.80 -21.60 -11.19
CA GLY B 37 -0.94 -21.63 -12.63
C GLY B 37 -2.32 -21.18 -13.06
N LYS B 38 -2.68 -21.51 -14.28
CA LYS B 38 -3.97 -21.09 -14.82
C LYS B 38 -5.12 -21.78 -14.08
N VAL B 39 -6.22 -21.03 -13.90
CA VAL B 39 -7.49 -21.57 -13.40
C VAL B 39 -8.31 -22.08 -14.58
N GLN B 40 -8.89 -23.27 -14.44
CA GLN B 40 -9.67 -23.88 -15.49
C GLN B 40 -11.14 -23.46 -15.44
N GLU B 41 -11.79 -23.51 -16.60
CA GLU B 41 -13.23 -23.45 -16.65
C GLU B 41 -13.81 -24.64 -15.88
N GLY B 42 -14.77 -24.37 -15.00
CA GLY B 42 -15.41 -25.42 -14.24
C GLY B 42 -14.86 -25.69 -12.85
N GLU B 43 -13.83 -24.96 -12.39
CA GLU B 43 -13.31 -25.15 -11.03
C GLU B 43 -13.24 -23.80 -10.33
N THR B 44 -13.44 -23.80 -9.00
CA THR B 44 -13.24 -22.53 -8.31
C THR B 44 -11.77 -22.16 -8.30
N ILE B 45 -11.51 -20.89 -8.02
CA ILE B 45 -10.14 -20.40 -7.94
C ILE B 45 -9.36 -21.24 -6.94
N GLU B 46 -9.92 -21.43 -5.75
CA GLU B 46 -9.24 -22.23 -4.74
C GLU B 46 -9.13 -23.69 -5.18
N ASP B 47 -10.16 -24.23 -5.85
CA ASP B 47 -10.02 -25.55 -6.47
C ASP B 47 -8.76 -25.59 -7.30
N GLY B 48 -8.59 -24.61 -8.19
CA GLY B 48 -7.42 -24.60 -9.05
C GLY B 48 -6.12 -24.48 -8.28
N ALA B 49 -6.12 -23.70 -7.21
CA ALA B 49 -4.91 -23.56 -6.40
C ALA B 49 -4.53 -24.89 -5.78
N ARG B 50 -5.50 -25.59 -5.19
CA ARG B 50 -5.24 -26.91 -4.64
C ARG B 50 -4.79 -27.87 -5.73
N ARG B 51 -5.40 -27.79 -6.91
CA ARG B 51 -5.02 -28.71 -7.96
C ARG B 51 -3.57 -28.50 -8.37
N GLU B 52 -3.15 -27.23 -8.57
CA GLU B 52 -1.76 -26.96 -8.94
C GLU B 52 -0.79 -27.25 -7.79
N LEU B 53 -1.24 -27.10 -6.55
CA LEU B 53 -0.39 -27.48 -5.43
C LEU B 53 -0.11 -28.98 -5.45
N GLN B 54 -1.15 -29.77 -5.66
CA GLN B 54 -0.95 -31.20 -5.70
C GLN B 54 -0.12 -31.62 -6.91
N GLU B 55 -0.41 -31.04 -8.08
CA GLU B 55 0.33 -31.40 -9.30
C GLU B 55 1.80 -31.03 -9.20
N GLU B 56 2.11 -29.91 -8.55
CA GLU B 56 3.48 -29.44 -8.63
C GLU B 56 4.32 -29.90 -7.45
N SER B 57 3.70 -30.30 -6.35
CA SER B 57 4.45 -30.67 -5.17
C SER B 57 3.94 -31.94 -4.50
N GLY B 58 2.84 -32.53 -4.98
CA GLY B 58 2.26 -33.67 -4.33
C GLY B 58 1.47 -33.38 -3.06
N LEU B 59 1.50 -32.13 -2.58
CA LEU B 59 0.90 -31.81 -1.29
C LEU B 59 -0.61 -31.60 -1.37
N THR B 60 -1.29 -32.04 -0.30
CA THR B 60 -2.68 -31.70 -0.04
C THR B 60 -2.74 -30.94 1.28
N VAL B 61 -3.76 -30.09 1.45
CA VAL B 61 -3.90 -29.30 2.68
C VAL B 61 -5.36 -29.26 3.13
N ASP B 62 -5.55 -28.91 4.41
CA ASP B 62 -6.88 -28.75 4.97
C ASP B 62 -7.52 -27.44 4.54
N ALA B 63 -6.82 -26.33 4.70
CA ALA B 63 -7.40 -25.02 4.46
C ALA B 63 -6.41 -24.15 3.71
N LEU B 64 -6.93 -23.46 2.69
CA LEU B 64 -6.22 -22.39 2.02
C LEU B 64 -6.85 -21.08 2.48
N HIS B 65 -6.01 -20.11 2.80
CA HIS B 65 -6.47 -18.79 3.21
C HIS B 65 -6.12 -17.81 2.11
N LYS B 66 -7.11 -17.04 1.67
CA LYS B 66 -6.86 -15.95 0.74
C LYS B 66 -5.96 -14.92 1.40
N VAL B 67 -4.77 -14.70 0.83
CA VAL B 67 -3.87 -13.66 1.33
C VAL B 67 -3.71 -12.51 0.36
N GLY B 68 -3.97 -12.69 -0.93
CA GLY B 68 -3.77 -11.53 -1.77
C GLY B 68 -4.32 -11.72 -3.15
N GLN B 69 -4.33 -10.60 -3.88
CA GLN B 69 -4.64 -10.53 -5.30
C GLN B 69 -3.64 -9.59 -5.93
N ILE B 70 -3.02 -10.01 -7.02
CA ILE B 70 -2.08 -9.17 -7.75
C ILE B 70 -2.43 -9.19 -9.22
N VAL B 71 -2.60 -8.01 -9.80
CA VAL B 71 -2.87 -7.85 -11.23
C VAL B 71 -1.57 -7.40 -11.90
N PHE B 72 -1.18 -8.11 -12.96
CA PHE B 72 0.01 -7.80 -13.76
C PHE B 72 -0.43 -7.33 -15.13
N GLU B 73 0.13 -6.21 -15.58
CA GLU B 73 -0.03 -5.74 -16.95
C GLU B 73 1.33 -5.74 -17.63
N PHE B 74 1.38 -6.32 -18.84
CA PHE B 74 2.59 -6.36 -19.65
C PHE B 74 2.46 -5.42 -20.83
N VAL B 75 3.45 -4.54 -21.00
CA VAL B 75 3.52 -3.68 -22.16
C VAL B 75 3.45 -4.53 -23.40
N GLY B 76 2.60 -4.15 -24.35
CA GLY B 76 2.49 -4.91 -25.57
C GLY B 76 1.67 -6.18 -25.48
N GLU B 77 1.15 -6.52 -24.30
CA GLU B 77 0.24 -7.65 -24.14
C GLU B 77 -1.12 -7.15 -23.68
N PRO B 78 -2.22 -7.46 -24.38
CA PRO B 78 -3.53 -6.87 -24.04
C PRO B 78 -4.22 -7.49 -22.82
N GLU B 79 -3.95 -8.76 -22.56
CA GLU B 79 -4.61 -9.52 -21.49
C GLU B 79 -3.84 -9.34 -20.18
N LEU B 80 -4.57 -9.05 -19.09
CA LEU B 80 -3.94 -8.97 -17.77
C LEU B 80 -3.85 -10.32 -17.10
N MET B 81 -2.88 -10.45 -16.19
CA MET B 81 -2.71 -11.64 -15.37
C MET B 81 -3.29 -11.33 -13.99
N ASP B 82 -4.31 -12.09 -13.58
CA ASP B 82 -4.99 -11.84 -12.31
C ASP B 82 -4.64 -13.02 -11.40
N VAL B 83 -3.68 -12.79 -10.50
CA VAL B 83 -3.11 -13.82 -9.63
C VAL B 83 -3.83 -13.76 -8.28
N HIS B 84 -4.44 -14.86 -7.88
CA HIS B 84 -5.02 -14.99 -6.55
C HIS B 84 -4.05 -15.76 -5.67
N VAL B 85 -3.51 -15.08 -4.64
CA VAL B 85 -2.47 -15.62 -3.78
C VAL B 85 -3.09 -16.24 -2.55
N PHE B 86 -2.66 -17.45 -2.22
CA PHE B 86 -3.08 -18.21 -1.06
C PHE B 86 -1.87 -18.65 -0.26
N CYS B 87 -2.06 -18.82 1.04
CA CYS B 87 -1.04 -19.43 1.87
C CYS B 87 -1.66 -20.50 2.75
N THR B 88 -0.81 -21.43 3.18
CA THR B 88 -1.20 -22.39 4.19
C THR B 88 0.00 -22.68 5.07
N ASP B 89 -0.28 -23.08 6.30
CA ASP B 89 0.72 -23.45 7.27
C ASP B 89 0.80 -24.94 7.51
N SER B 90 -0.33 -25.63 7.55
CA SER B 90 -0.34 -27.08 7.75
C SER B 90 -0.49 -27.76 6.41
N ILE B 91 0.34 -28.78 6.16
CA ILE B 91 0.29 -29.51 4.92
C ILE B 91 0.22 -31.00 5.23
N GLN B 92 -0.43 -31.75 4.35
CA GLN B 92 -0.55 -33.19 4.47
C GLN B 92 0.45 -33.81 3.51
N GLY B 93 1.49 -34.42 4.06
CA GLY B 93 2.51 -35.11 3.29
C GLY B 93 3.84 -34.36 3.28
N THR B 94 4.75 -34.89 2.48
CA THR B 94 6.07 -34.35 2.20
C THR B 94 6.12 -33.81 0.78
N PRO B 95 6.66 -32.62 0.57
CA PRO B 95 6.81 -32.12 -0.80
C PRO B 95 7.80 -32.96 -1.58
N VAL B 96 7.43 -33.30 -2.81
CA VAL B 96 8.31 -34.08 -3.66
C VAL B 96 8.39 -33.41 -5.02
N GLU B 97 9.55 -33.58 -5.67
CA GLU B 97 9.75 -33.04 -7.01
C GLU B 97 8.69 -33.59 -7.94
N SER B 98 8.26 -32.77 -8.88
CA SER B 98 7.34 -33.20 -9.92
C SER B 98 7.94 -32.82 -11.28
N ASP B 99 7.18 -33.08 -12.33
CA ASP B 99 7.64 -32.76 -13.68
C ASP B 99 7.81 -31.25 -13.86
N GLU B 100 7.03 -30.45 -13.14
CA GLU B 100 7.03 -28.99 -13.26
C GLU B 100 7.99 -28.32 -12.30
N MET B 101 8.15 -28.85 -11.08
CA MET B 101 8.77 -28.09 -10.00
C MET B 101 9.74 -28.96 -9.21
N ARG B 102 10.87 -28.34 -8.81
CA ARG B 102 11.78 -28.90 -7.82
C ARG B 102 11.59 -28.10 -6.55
N PRO B 103 10.79 -28.57 -5.60
CA PRO B 103 10.54 -27.78 -4.39
C PRO B 103 11.71 -27.87 -3.42
N CYS B 104 11.93 -26.75 -2.74
CA CYS B 104 12.91 -26.65 -1.67
C CYS B 104 12.37 -25.68 -0.62
N TRP B 105 12.70 -25.98 0.63
CA TRP B 105 12.40 -25.07 1.73
C TRP B 105 13.49 -24.00 1.84
N PHE B 106 13.06 -22.79 2.18
CA PHE B 106 13.97 -21.69 2.44
C PHE B 106 13.63 -21.08 3.78
N GLN B 107 14.68 -20.85 4.59
CA GLN B 107 14.56 -20.05 5.80
C GLN B 107 14.01 -18.67 5.46
N LEU B 108 13.23 -18.11 6.40
CA LEU B 108 12.62 -16.80 6.14
C LEU B 108 13.67 -15.70 5.99
N ASP B 109 14.87 -15.88 6.57
CA ASP B 109 15.92 -14.88 6.36
C ASP B 109 16.74 -15.14 5.10
N GLN B 110 16.43 -16.17 4.31
CA GLN B 110 17.17 -16.45 3.08
C GLN B 110 16.24 -16.64 1.88
N ILE B 111 15.14 -15.91 1.82
CA ILE B 111 14.28 -16.03 0.63
C ILE B 111 15.04 -15.54 -0.59
N PRO B 112 15.13 -16.31 -1.64
CA PRO B 112 16.04 -15.99 -2.78
C PRO B 112 15.44 -14.99 -3.77
N PHE B 113 15.26 -13.73 -3.32
CA PHE B 113 14.49 -12.77 -4.11
C PHE B 113 15.10 -12.54 -5.49
N LYS B 114 16.43 -12.54 -5.59
CA LYS B 114 17.09 -12.31 -6.87
C LYS B 114 16.81 -13.42 -7.87
N ASP B 115 16.41 -14.60 -7.41
CA ASP B 115 16.05 -15.70 -8.29
C ASP B 115 14.55 -15.93 -8.27
N MET B 116 13.79 -14.90 -7.95
CA MET B 116 12.35 -14.95 -8.01
C MET B 116 11.87 -13.90 -8.99
N TRP B 117 10.56 -13.90 -9.23
CA TRP B 117 9.96 -12.80 -9.97
C TRP B 117 10.21 -11.49 -9.22
N PRO B 118 10.49 -10.40 -9.93
CA PRO B 118 10.86 -9.16 -9.22
C PRO B 118 9.78 -8.57 -8.32
N ASP B 119 8.50 -8.82 -8.60
CA ASP B 119 7.43 -8.25 -7.77
C ASP B 119 7.44 -8.81 -6.35
N ASP B 120 7.96 -10.04 -6.18
CA ASP B 120 7.93 -10.69 -4.87
C ASP B 120 8.54 -9.83 -3.77
N SER B 121 9.68 -9.18 -4.06
CA SER B 121 10.36 -8.41 -3.01
C SER B 121 9.51 -7.24 -2.54
N TYR B 122 8.53 -6.81 -3.33
CA TYR B 122 7.60 -5.78 -2.89
C TYR B 122 6.50 -6.36 -2.01
N TRP B 123 5.88 -7.49 -2.41
CA TRP B 123 4.68 -7.88 -1.67
C TRP B 123 4.93 -8.92 -0.59
N PHE B 124 6.08 -9.59 -0.60
CA PHE B 124 6.39 -10.55 0.46
C PHE B 124 6.36 -9.97 1.87
N PRO B 125 6.84 -8.76 2.16
CA PRO B 125 6.68 -8.24 3.54
C PRO B 125 5.25 -8.33 4.08
N LEU B 126 4.26 -7.91 3.30
CA LEU B 126 2.87 -8.01 3.75
C LEU B 126 2.45 -9.48 3.90
N LEU B 127 2.93 -10.34 3.00
CA LEU B 127 2.68 -11.76 3.17
C LEU B 127 3.24 -12.27 4.49
N LEU B 128 4.46 -11.86 4.84
CA LEU B 128 5.10 -12.45 6.02
C LEU B 128 4.49 -11.92 7.31
N GLN B 129 3.89 -10.73 7.26
CA GLN B 129 3.16 -10.17 8.39
C GLN B 129 1.72 -10.63 8.46
N LYS B 130 1.34 -11.61 7.63
CA LYS B 130 -0.03 -12.15 7.57
C LYS B 130 -1.05 -11.03 7.34
N LYS B 131 -0.67 -10.07 6.50
CA LYS B 131 -1.56 -9.02 6.05
C LYS B 131 -2.05 -9.29 4.63
N LYS B 132 -3.34 -9.07 4.41
CA LYS B 132 -3.95 -9.23 3.10
C LYS B 132 -3.72 -7.99 2.22
N PHE B 133 -3.53 -8.21 0.92
CA PHE B 133 -3.10 -7.12 0.05
C PHE B 133 -3.67 -7.27 -1.35
N HIS B 134 -3.83 -6.12 -2.01
CA HIS B 134 -4.07 -6.01 -3.44
C HIS B 134 -2.85 -5.35 -4.08
N GLY B 135 -2.37 -5.94 -5.18
CA GLY B 135 -1.22 -5.40 -5.87
C GLY B 135 -1.54 -5.19 -7.34
N TYR B 136 -0.79 -4.27 -7.94
CA TYR B 136 -0.83 -4.03 -9.38
C TYR B 136 0.61 -3.78 -9.82
N PHE B 137 1.04 -4.45 -10.89
CA PHE B 137 2.39 -4.23 -11.40
C PHE B 137 2.35 -4.13 -12.91
N LYS B 138 2.98 -3.10 -13.46
CA LYS B 138 3.10 -2.97 -14.90
C LYS B 138 4.54 -3.33 -15.28
N PHE B 139 4.67 -4.38 -16.08
CA PHE B 139 5.95 -4.91 -16.50
C PHE B 139 6.24 -4.54 -17.95
N GLN B 140 7.52 -4.34 -18.24
CA GLN B 140 8.01 -4.34 -19.61
C GLN B 140 8.91 -5.57 -19.74
N GLY B 141 8.47 -6.52 -20.53
CA GLY B 141 9.19 -7.77 -20.52
C GLY B 141 8.92 -8.48 -19.21
N GLN B 142 9.82 -9.41 -18.87
CA GLN B 142 9.67 -10.24 -17.68
C GLN B 142 10.51 -9.78 -16.50
N ASP B 143 11.33 -8.76 -16.68
CA ASP B 143 12.28 -8.38 -15.64
C ASP B 143 12.11 -6.95 -15.16
N THR B 144 11.31 -6.13 -15.82
CA THR B 144 11.31 -4.69 -15.57
C THR B 144 9.94 -4.23 -15.10
N ILE B 145 9.85 -3.85 -13.83
CA ILE B 145 8.66 -3.21 -13.28
C ILE B 145 8.72 -1.72 -13.59
N LEU B 146 7.71 -1.22 -14.29
CA LEU B 146 7.67 0.19 -14.62
C LEU B 146 6.95 1.00 -13.54
N ASP B 147 5.77 0.55 -13.13
CA ASP B 147 5.03 1.17 -12.04
C ASP B 147 4.32 0.07 -11.27
N TYR B 148 3.90 0.37 -10.04
CA TYR B 148 3.15 -0.59 -9.24
C TYR B 148 2.33 0.13 -8.17
N THR B 149 1.29 -0.56 -7.68
CA THR B 149 0.60 -0.17 -6.46
C THR B 149 0.47 -1.39 -5.55
N LEU B 150 0.45 -1.15 -4.25
CA LEU B 150 0.32 -2.23 -3.29
C LEU B 150 -0.39 -1.67 -2.06
N ARG B 151 -1.40 -2.39 -1.59
CA ARG B 151 -2.25 -1.84 -0.55
C ARG B 151 -2.75 -2.96 0.32
N GLU B 152 -2.61 -2.82 1.63
CA GLU B 152 -3.29 -3.73 2.54
C GLU B 152 -4.80 -3.50 2.45
N VAL B 153 -5.56 -4.60 2.41
CA VAL B 153 -7.00 -4.54 2.29
C VAL B 153 -7.61 -5.29 3.45
N ASP B 154 -8.91 -5.08 3.63
CA ASP B 154 -9.68 -5.85 4.60
C ASP B 154 -10.30 -7.09 3.99
N THR B 155 -10.57 -7.07 2.70
CA THR B 155 -11.08 -8.22 1.95
C THR B 155 -10.25 -8.44 0.69
N VAL B 156 -9.80 -9.67 0.49
CA VAL B 156 -9.05 -9.99 -0.72
C VAL B 156 -10.00 -10.10 -1.92
#